data_2YAN
#
_entry.id   2YAN
#
_cell.length_a   118.317
_cell.length_b   118.317
_cell.length_c   58.840
_cell.angle_alpha   90.00
_cell.angle_beta   90.00
_cell.angle_gamma   120.00
#
_symmetry.space_group_name_H-M   'P 32 2 1'
#
loop_
_entity.id
_entity.type
_entity.pdbx_description
1 polymer GLUTAREDOXIN-3
2 non-polymer 1,2-ETHANEDIOL
3 non-polymer 'FE (III) ION'
4 non-polymer 'SULFATE ION'
5 non-polymer 'CHLORIDE ION'
6 non-polymer GLUTATHIONE
7 water water
#
_entity_poly.entity_id   1
_entity_poly.type   'polypeptide(L)'
_entity_poly.pdbx_seq_one_letter_code
;SMAPKLEERLKVLTNKASVMLFMKGNKQEAKCGFSKQILEILNSTGVEYETFDILEDEEVRQGLKAYSNWPTYPQLYVKG
ELVGGLDIVKELKENGELLPILRGE
;
_entity_poly.pdbx_strand_id   A,B
#
loop_
_chem_comp.id
_chem_comp.type
_chem_comp.name
_chem_comp.formula
CL non-polymer 'CHLORIDE ION' 'Cl -1'
EDO non-polymer 1,2-ETHANEDIOL 'C2 H6 O2'
FE non-polymer 'FE (III) ION' 'Fe 3'
GSH non-polymer GLUTATHIONE 'C10 H17 N3 O6 S'
SO4 non-polymer 'SULFATE ION' 'O4 S -2'
#
# COMPACT_ATOMS: atom_id res chain seq x y z
N SER A 1 -15.96 2.10 10.97
CA SER A 1 -17.37 1.67 11.18
C SER A 1 -17.59 0.19 10.81
N MET A 2 -16.51 -0.57 10.60
CA MET A 2 -16.64 -2.03 10.41
C MET A 2 -17.17 -2.74 11.68
N ALA A 3 -18.11 -3.68 11.49
CA ALA A 3 -18.66 -4.45 12.60
C ALA A 3 -17.52 -5.18 13.30
N PRO A 4 -17.56 -5.23 14.64
CA PRO A 4 -16.47 -5.92 15.35
C PRO A 4 -16.37 -7.40 14.96
N LYS A 5 -17.49 -8.04 14.64
CA LYS A 5 -17.46 -9.47 14.26
C LYS A 5 -16.75 -9.66 12.95
N LEU A 6 -16.95 -8.73 12.01
CA LEU A 6 -16.21 -8.82 10.76
C LEU A 6 -14.72 -8.51 10.97
N GLU A 7 -14.42 -7.51 11.80
CA GLU A 7 -13.03 -7.19 12.12
C GLU A 7 -12.31 -8.47 12.58
N GLU A 8 -12.93 -9.16 13.53
CA GLU A 8 -12.39 -10.43 14.05
C GLU A 8 -12.23 -11.50 12.96
N ARG A 9 -13.26 -11.74 12.16
CA ARG A 9 -13.16 -12.78 11.12
CA ARG A 9 -13.19 -12.76 11.09
C ARG A 9 -12.01 -12.49 10.15
N LEU A 10 -11.83 -11.24 9.79
CA LEU A 10 -10.81 -10.85 8.86
C LEU A 10 -9.42 -10.93 9.48
N LYS A 11 -9.28 -10.53 10.75
CA LYS A 11 -7.98 -10.63 11.43
C LYS A 11 -7.56 -12.10 11.56
N VAL A 12 -8.50 -12.97 11.88
CA VAL A 12 -8.26 -14.42 11.89
C VAL A 12 -7.82 -14.94 10.51
N LEU A 13 -8.55 -14.56 9.45
CA LEU A 13 -8.27 -15.08 8.13
C LEU A 13 -6.88 -14.62 7.63
N THR A 14 -6.54 -13.36 7.85
CA THR A 14 -5.28 -12.84 7.38
C THR A 14 -4.09 -13.47 8.13
N ASN A 15 -4.34 -14.14 9.26
CA ASN A 15 -3.30 -14.81 10.01
C ASN A 15 -3.43 -16.33 9.91
N LYS A 16 -4.22 -16.81 8.97
CA LYS A 16 -4.43 -18.26 8.78
C LYS A 16 -3.11 -18.97 8.45
N ALA A 17 -2.19 -18.29 7.76
CA ALA A 17 -0.84 -18.84 7.56
C ALA A 17 0.13 -17.68 7.58
N SER A 18 1.43 -17.97 7.70
CA SER A 18 2.44 -16.92 7.70
C SER A 18 2.40 -16.12 6.44
N VAL A 19 2.23 -16.80 5.31
CA VAL A 19 2.07 -16.14 4.04
C VAL A 19 0.68 -16.51 3.50
N MET A 20 -0.15 -15.49 3.28
CA MET A 20 -1.54 -15.69 2.97
C MET A 20 -1.94 -14.87 1.76
N LEU A 21 -2.51 -15.52 0.75
CA LEU A 21 -2.86 -14.89 -0.52
C LEU A 21 -4.37 -14.89 -0.75
N PHE A 22 -4.98 -13.71 -0.80
CA PHE A 22 -6.38 -13.56 -1.20
C PHE A 22 -6.47 -13.30 -2.69
N MET A 23 -7.21 -14.14 -3.39
CA MET A 23 -7.12 -14.21 -4.83
C MET A 23 -8.45 -14.60 -5.45
N LYS A 24 -8.51 -14.43 -6.77
CA LYS A 24 -9.58 -15.03 -7.56
C LYS A 24 -9.16 -16.42 -7.99
N GLY A 25 -9.83 -17.42 -7.43
CA GLY A 25 -9.50 -18.81 -7.67
C GLY A 25 -8.69 -19.42 -6.54
N ASN A 26 -7.91 -20.45 -6.88
CA ASN A 26 -7.11 -21.17 -5.91
C ASN A 26 -5.84 -21.71 -6.59
N LYS A 27 -5.03 -22.49 -5.86
CA LYS A 27 -3.72 -22.94 -6.38
C LYS A 27 -3.85 -23.89 -7.58
N GLN A 28 -4.99 -24.55 -7.70
CA GLN A 28 -5.19 -25.52 -8.77
C GLN A 28 -5.73 -24.82 -10.00
N GLU A 29 -6.57 -23.80 -9.81
CA GLU A 29 -7.09 -23.00 -10.90
C GLU A 29 -7.22 -21.53 -10.48
N ALA A 30 -6.29 -20.73 -10.94
CA ALA A 30 -6.35 -19.30 -10.66
C ALA A 30 -7.03 -18.60 -11.82
N LYS A 31 -7.82 -17.58 -11.56
CA LYS A 31 -8.49 -16.86 -12.62
C LYS A 31 -7.42 -16.18 -13.49
N CYS A 32 -7.55 -16.31 -14.80
CA CYS A 32 -6.65 -15.62 -15.72
C CYS A 32 -6.55 -14.16 -15.34
N GLY A 33 -5.34 -13.62 -15.30
CA GLY A 33 -5.14 -12.22 -14.91
C GLY A 33 -4.19 -12.11 -13.73
N PHE A 34 -4.40 -11.06 -12.95
CA PHE A 34 -3.49 -10.70 -11.87
C PHE A 34 -3.34 -11.81 -10.82
N SER A 35 -4.42 -12.54 -10.57
CA SER A 35 -4.39 -13.61 -9.58
C SER A 35 -3.53 -14.78 -10.04
N LYS A 36 -3.70 -15.22 -11.28
CA LYS A 36 -2.85 -16.27 -11.85
C LYS A 36 -1.37 -15.82 -11.89
N GLN A 37 -1.13 -14.56 -12.26
CA GLN A 37 0.24 -14.04 -12.39
C GLN A 37 0.94 -14.02 -11.04
N ILE A 38 0.23 -13.64 -9.98
CA ILE A 38 0.87 -13.58 -8.67
C ILE A 38 1.13 -14.96 -8.12
N LEU A 39 0.26 -15.91 -8.45
CA LEU A 39 0.43 -17.27 -8.02
C LEU A 39 1.72 -17.83 -8.64
N GLU A 40 1.94 -17.56 -9.92
CA GLU A 40 3.15 -18.01 -10.60
C GLU A 40 4.41 -17.48 -9.94
N ILE A 41 4.42 -16.20 -9.57
CA ILE A 41 5.56 -15.57 -8.92
C ILE A 41 5.79 -16.18 -7.52
N LEU A 42 4.73 -16.35 -6.75
CA LEU A 42 4.86 -16.95 -5.42
C LEU A 42 5.39 -18.38 -5.49
N ASN A 43 4.89 -19.14 -6.45
CA ASN A 43 5.35 -20.49 -6.68
C ASN A 43 6.84 -20.56 -6.94
N SER A 44 7.37 -19.61 -7.71
CA SER A 44 8.76 -19.58 -8.10
CA SER A 44 8.75 -19.62 -8.10
C SER A 44 9.67 -19.26 -6.93
N THR A 45 9.13 -18.63 -5.89
CA THR A 45 9.93 -18.35 -4.68
C THR A 45 10.22 -19.60 -3.84
N GLY A 46 9.43 -20.65 -4.01
CA GLY A 46 9.56 -21.81 -3.17
C GLY A 46 9.05 -21.69 -1.73
N VAL A 47 8.47 -20.56 -1.35
CA VAL A 47 7.98 -20.37 0.02
CA VAL A 47 7.99 -20.37 0.01
C VAL A 47 6.64 -21.07 0.19
N GLU A 48 6.36 -21.52 1.42
CA GLU A 48 5.07 -22.12 1.77
C GLU A 48 4.05 -21.00 1.98
N TYR A 49 2.87 -21.13 1.39
CA TYR A 49 1.80 -20.12 1.53
C TYR A 49 0.45 -20.78 1.36
N GLU A 50 -0.59 -20.11 1.84
CA GLU A 50 -1.96 -20.58 1.68
CA GLU A 50 -1.96 -20.60 1.67
C GLU A 50 -2.77 -19.55 0.91
N THR A 51 -3.87 -19.97 0.30
CA THR A 51 -4.71 -19.07 -0.45
C THR A 51 -6.16 -19.09 0.06
N PHE A 52 -6.87 -18.00 -0.25
CA PHE A 52 -8.30 -17.88 0.03
C PHE A 52 -8.97 -17.29 -1.20
N ASP A 53 -10.07 -17.89 -1.64
CA ASP A 53 -10.71 -17.50 -2.89
C ASP A 53 -11.81 -16.51 -2.60
N ILE A 54 -11.54 -15.23 -2.89
CA ILE A 54 -12.52 -14.18 -2.65
C ILE A 54 -13.74 -14.19 -3.61
N LEU A 55 -13.67 -14.96 -4.68
CA LEU A 55 -14.84 -15.15 -5.55
C LEU A 55 -15.95 -16.00 -4.92
N GLU A 56 -15.63 -16.71 -3.83
CA GLU A 56 -16.62 -17.58 -3.18
C GLU A 56 -17.09 -17.02 -1.84
N ASP A 57 -16.74 -15.77 -1.51
CA ASP A 57 -17.09 -15.19 -0.21
C ASP A 57 -17.10 -13.67 -0.34
N GLU A 58 -18.27 -13.15 -0.69
CA GLU A 58 -18.46 -11.74 -0.99
C GLU A 58 -18.22 -10.92 0.24
N GLU A 59 -18.57 -11.46 1.40
CA GLU A 59 -18.38 -10.76 2.65
C GLU A 59 -16.90 -10.48 2.88
N VAL A 60 -16.05 -11.48 2.63
CA VAL A 60 -14.61 -11.27 2.71
C VAL A 60 -14.11 -10.41 1.54
N ARG A 61 -14.60 -10.67 0.34
CA ARG A 61 -14.20 -9.86 -0.84
C ARG A 61 -14.36 -8.36 -0.57
N GLN A 62 -15.57 -7.95 -0.17
CA GLN A 62 -15.79 -6.54 0.13
C GLN A 62 -15.15 -6.13 1.48
N GLY A 63 -15.26 -6.97 2.49
CA GLY A 63 -14.73 -6.66 3.81
C GLY A 63 -13.24 -6.36 3.86
N LEU A 64 -12.47 -7.18 3.18
CA LEU A 64 -11.02 -7.04 3.20
C LEU A 64 -10.54 -5.78 2.51
N LYS A 65 -11.29 -5.30 1.52
CA LYS A 65 -10.99 -4.02 0.92
C LYS A 65 -11.07 -2.90 1.96
N ALA A 66 -12.08 -2.94 2.82
CA ALA A 66 -12.23 -1.92 3.85
C ALA A 66 -11.18 -2.16 4.94
N TYR A 67 -10.98 -3.42 5.32
CA TYR A 67 -10.09 -3.77 6.44
C TYR A 67 -8.67 -3.36 6.11
N SER A 68 -8.22 -3.65 4.89
CA SER A 68 -6.86 -3.36 4.46
CA SER A 68 -6.86 -3.29 4.55
C SER A 68 -6.71 -2.00 3.74
N ASN A 69 -7.84 -1.34 3.47
CA ASN A 69 -7.92 -0.06 2.75
C ASN A 69 -7.19 -0.21 1.39
N TRP A 70 -7.45 -1.31 0.73
CA TRP A 70 -6.81 -1.66 -0.52
C TRP A 70 -7.93 -2.09 -1.46
N PRO A 71 -8.00 -1.50 -2.66
CA PRO A 71 -9.20 -1.63 -3.45
C PRO A 71 -9.32 -2.87 -4.33
N THR A 72 -8.28 -3.68 -4.43
CA THR A 72 -8.24 -4.71 -5.44
C THR A 72 -7.69 -6.05 -4.95
N TYR A 73 -7.87 -7.06 -5.79
CA TYR A 73 -7.20 -8.36 -5.62
C TYR A 73 -6.25 -8.63 -6.81
N PRO A 74 -5.19 -9.41 -6.57
CA PRO A 74 -4.94 -10.16 -5.34
C PRO A 74 -4.39 -9.32 -4.18
N GLN A 75 -4.49 -9.86 -2.96
CA GLN A 75 -3.86 -9.26 -1.76
C GLN A 75 -2.98 -10.30 -1.06
N LEU A 76 -1.67 -10.03 -1.01
CA LEU A 76 -0.73 -10.87 -0.31
C LEU A 76 -0.53 -10.28 1.09
N TYR A 77 -0.67 -11.15 2.11
CA TYR A 77 -0.37 -10.86 3.51
C TYR A 77 0.79 -11.69 3.93
N VAL A 78 1.67 -11.07 4.74
CA VAL A 78 2.75 -11.75 5.40
C VAL A 78 2.73 -11.34 6.86
N LYS A 79 2.68 -12.34 7.73
CA LYS A 79 2.61 -12.12 9.18
C LYS A 79 1.51 -11.14 9.59
N GLY A 80 0.34 -11.27 8.97
CA GLY A 80 -0.81 -10.50 9.30
C GLY A 80 -0.87 -9.08 8.73
N GLU A 81 0.13 -8.67 7.94
CA GLU A 81 0.14 -7.31 7.39
CA GLU A 81 0.28 -7.32 7.40
C GLU A 81 0.15 -7.39 5.87
N LEU A 82 -0.59 -6.47 5.27
CA LEU A 82 -0.71 -6.40 3.83
C LEU A 82 0.65 -6.05 3.23
N VAL A 83 1.00 -6.76 2.16
CA VAL A 83 2.15 -6.45 1.34
C VAL A 83 1.63 -5.63 0.18
N GLY A 84 0.71 -6.22 -0.59
CA GLY A 84 0.11 -5.56 -1.71
C GLY A 84 -0.35 -6.58 -2.72
N GLY A 85 -0.52 -6.15 -3.97
CA GLY A 85 -0.94 -7.04 -5.02
C GLY A 85 0.17 -7.42 -5.98
N LEU A 86 -0.22 -7.77 -7.22
CA LEU A 86 0.75 -8.26 -8.20
CA LEU A 86 0.75 -8.26 -8.20
C LEU A 86 1.80 -7.21 -8.55
N ASP A 87 1.39 -5.97 -8.78
CA ASP A 87 2.32 -4.96 -9.19
C ASP A 87 3.41 -4.76 -8.15
N ILE A 88 3.02 -4.73 -6.89
CA ILE A 88 3.99 -4.57 -5.79
C ILE A 88 4.89 -5.79 -5.69
N VAL A 89 4.30 -6.97 -5.80
CA VAL A 89 5.09 -8.20 -5.67
C VAL A 89 6.12 -8.30 -6.82
N LYS A 90 5.74 -7.95 -8.03
CA LYS A 90 6.70 -7.86 -9.13
C LYS A 90 7.83 -6.85 -8.91
N GLU A 91 7.49 -5.65 -8.42
CA GLU A 91 8.49 -4.64 -8.09
C GLU A 91 9.49 -5.20 -7.06
N LEU A 92 8.97 -5.85 -6.01
CA LEU A 92 9.82 -6.43 -4.98
C LEU A 92 10.72 -7.47 -5.62
N LYS A 93 10.14 -8.33 -6.44
CA LYS A 93 10.91 -9.38 -7.10
C LYS A 93 12.04 -8.79 -7.94
N GLU A 94 11.75 -7.74 -8.68
CA GLU A 94 12.72 -7.07 -9.55
CA GLU A 94 12.74 -7.14 -9.56
C GLU A 94 13.91 -6.51 -8.76
N ASN A 95 13.62 -5.97 -7.58
CA ASN A 95 14.64 -5.37 -6.70
C ASN A 95 15.36 -6.34 -5.75
N GLY A 96 15.03 -7.63 -5.83
CA GLY A 96 15.60 -8.63 -4.91
C GLY A 96 15.11 -8.46 -3.46
N GLU A 97 13.91 -7.88 -3.31
CA GLU A 97 13.33 -7.58 -2.00
CA GLU A 97 13.37 -7.65 -1.96
C GLU A 97 12.19 -8.55 -1.65
N LEU A 98 11.78 -9.42 -2.58
CA LEU A 98 10.57 -10.24 -2.35
C LEU A 98 10.79 -11.33 -1.29
N LEU A 99 11.93 -12.01 -1.40
CA LEU A 99 12.22 -13.07 -0.46
C LEU A 99 12.36 -12.54 0.97
N PRO A 100 13.12 -11.44 1.19
CA PRO A 100 13.15 -10.91 2.55
C PRO A 100 11.76 -10.56 3.10
N ILE A 101 10.92 -9.97 2.26
CA ILE A 101 9.55 -9.60 2.69
C ILE A 101 8.73 -10.86 3.05
N LEU A 102 8.85 -11.92 2.26
CA LEU A 102 8.16 -13.17 2.52
C LEU A 102 8.67 -13.83 3.81
N ARG A 103 9.91 -13.56 4.22
CA ARG A 103 10.42 -14.02 5.53
C ARG A 103 10.18 -13.04 6.70
N GLY A 104 9.44 -11.95 6.48
CA GLY A 104 9.06 -11.04 7.57
C GLY A 104 10.15 -10.13 8.09
N GLU A 105 10.95 -9.60 7.17
CA GLU A 105 12.07 -8.68 7.48
C GLU A 105 11.76 -7.24 7.04
N SER B 1 5.53 34.10 -2.76
CA SER B 1 4.44 34.71 -3.56
C SER B 1 3.40 33.68 -4.03
N MET B 2 3.21 32.58 -3.30
CA MET B 2 2.08 31.68 -3.59
C MET B 2 0.76 32.40 -3.29
N ALA B 3 -0.19 32.36 -4.23
CA ALA B 3 -1.56 32.83 -4.00
C ALA B 3 -2.10 32.30 -2.65
N PRO B 4 -2.60 33.18 -1.74
CA PRO B 4 -3.20 32.71 -0.49
C PRO B 4 -4.31 31.66 -0.71
N LYS B 5 -5.11 31.84 -1.77
CA LYS B 5 -6.19 30.91 -2.13
C LYS B 5 -5.65 29.50 -2.37
N LEU B 6 -4.55 29.44 -3.12
CA LEU B 6 -3.93 28.17 -3.45
C LEU B 6 -3.29 27.55 -2.23
N GLU B 7 -2.59 28.37 -1.45
CA GLU B 7 -1.95 27.87 -0.23
C GLU B 7 -2.96 27.24 0.71
N GLU B 8 -4.09 27.89 0.88
CA GLU B 8 -5.16 27.33 1.73
C GLU B 8 -5.74 26.01 1.16
N ARG B 9 -5.90 25.97 -0.17
CA ARG B 9 -6.38 24.76 -0.83
C ARG B 9 -5.41 23.61 -0.60
N LEU B 10 -4.10 23.87 -0.76
CA LEU B 10 -3.10 22.86 -0.49
C LEU B 10 -3.08 22.44 0.97
N LYS B 11 -3.21 23.39 1.87
CA LYS B 11 -3.31 23.07 3.28
C LYS B 11 -4.50 22.12 3.52
N VAL B 12 -5.67 22.47 2.98
CA VAL B 12 -6.86 21.64 3.22
C VAL B 12 -6.63 20.22 2.68
N LEU B 13 -5.99 20.11 1.51
CA LEU B 13 -5.82 18.81 0.88
C LEU B 13 -4.81 17.94 1.63
N THR B 14 -3.72 18.53 2.11
CA THR B 14 -2.73 17.76 2.83
C THR B 14 -3.26 17.24 4.15
N ASN B 15 -4.37 17.82 4.60
CA ASN B 15 -5.04 17.43 5.82
C ASN B 15 -6.34 16.67 5.58
N LYS B 16 -6.60 16.30 4.33
CA LYS B 16 -7.81 15.55 3.96
C LYS B 16 -7.98 14.23 4.73
N ALA B 17 -6.86 13.59 5.08
CA ALA B 17 -6.85 12.40 5.93
C ALA B 17 -5.62 12.52 6.82
N SER B 18 -5.55 11.74 7.89
CA SER B 18 -4.41 11.80 8.80
C SER B 18 -3.08 11.51 8.07
N VAL B 19 -3.08 10.51 7.19
CA VAL B 19 -1.88 10.16 6.41
C VAL B 19 -2.23 10.25 4.92
N MET B 20 -1.54 11.12 4.19
CA MET B 20 -1.87 11.42 2.80
C MET B 20 -0.62 11.18 1.97
N LEU B 21 -0.77 10.35 0.94
CA LEU B 21 0.32 10.11 -0.01
C LEU B 21 -0.04 10.69 -1.38
N PHE B 22 0.78 11.65 -1.82
CA PHE B 22 0.61 12.32 -3.10
C PHE B 22 1.55 11.61 -4.07
N MET B 23 0.97 11.06 -5.14
CA MET B 23 1.71 10.18 -6.02
C MET B 23 1.17 10.25 -7.46
N LYS B 24 1.89 9.60 -8.37
CA LYS B 24 1.45 9.41 -9.72
C LYS B 24 0.65 8.12 -9.79
N GLY B 25 -0.67 8.27 -9.88
CA GLY B 25 -1.57 7.16 -9.98
C GLY B 25 -2.25 6.96 -8.61
N ASN B 26 -2.52 5.70 -8.31
CA ASN B 26 -3.30 5.31 -7.11
C ASN B 26 -2.89 3.90 -6.69
N LYS B 27 -3.57 3.34 -5.70
CA LYS B 27 -3.24 1.98 -5.24
C LYS B 27 -3.48 0.90 -6.28
N GLN B 28 -4.53 1.03 -7.06
CA GLN B 28 -4.81 0.09 -8.13
C GLN B 28 -3.74 0.09 -9.23
N GLU B 29 -3.32 1.28 -9.64
CA GLU B 29 -2.33 1.42 -10.70
C GLU B 29 -1.38 2.56 -10.34
N ALA B 30 -0.22 2.18 -9.83
CA ALA B 30 0.84 3.10 -9.42
C ALA B 30 1.81 3.21 -10.57
N LYS B 31 2.09 4.42 -11.01
CA LYS B 31 2.89 4.58 -12.23
C LYS B 31 4.35 4.16 -12.03
N CYS B 32 4.95 4.55 -10.92
CA CYS B 32 6.41 4.43 -10.74
CA CYS B 32 6.41 4.44 -10.72
C CYS B 32 6.77 3.36 -9.72
N GLY B 33 7.90 2.70 -9.94
CA GLY B 33 8.45 1.70 -9.00
C GLY B 33 8.63 2.25 -7.59
N PHE B 34 9.07 3.51 -7.46
CA PHE B 34 9.27 4.09 -6.13
C PHE B 34 7.97 4.20 -5.38
N SER B 35 6.86 4.50 -6.07
CA SER B 35 5.60 4.52 -5.36
C SER B 35 5.09 3.12 -5.04
N LYS B 36 5.36 2.15 -5.89
CA LYS B 36 5.00 0.76 -5.52
C LYS B 36 5.74 0.37 -4.22
N GLN B 37 7.00 0.74 -4.13
CA GLN B 37 7.77 0.47 -2.90
C GLN B 37 7.22 1.18 -1.70
N ILE B 38 6.90 2.48 -1.85
CA ILE B 38 6.37 3.24 -0.73
C ILE B 38 5.00 2.73 -0.27
N LEU B 39 4.16 2.31 -1.21
CA LEU B 39 2.87 1.69 -0.89
C LEU B 39 3.07 0.40 -0.10
N GLU B 40 4.07 -0.37 -0.49
CA GLU B 40 4.32 -1.63 0.26
C GLU B 40 4.74 -1.35 1.69
N ILE B 41 5.65 -0.39 1.85
CA ILE B 41 6.16 -0.04 3.18
C ILE B 41 5.02 0.49 4.04
N LEU B 42 4.23 1.40 3.50
CA LEU B 42 3.05 1.92 4.22
C LEU B 42 2.06 0.80 4.56
N ASN B 43 1.82 -0.08 3.60
CA ASN B 43 0.95 -1.26 3.80
C ASN B 43 1.44 -2.10 4.95
N SER B 44 2.76 -2.29 5.05
CA SER B 44 3.39 -3.12 6.08
C SER B 44 3.09 -2.62 7.50
N THR B 45 2.83 -1.32 7.66
CA THR B 45 2.56 -0.74 8.99
C THR B 45 1.13 -0.95 9.48
N GLY B 46 0.21 -1.24 8.57
CA GLY B 46 -1.22 -1.38 8.89
C GLY B 46 -1.94 -0.04 9.17
N VAL B 47 -1.23 1.09 9.11
CA VAL B 47 -1.83 2.40 9.40
C VAL B 47 -2.66 2.83 8.19
N GLU B 48 -3.84 3.38 8.45
CA GLU B 48 -4.73 3.77 7.37
C GLU B 48 -4.21 5.00 6.68
N TYR B 49 -4.04 4.93 5.36
CA TYR B 49 -3.57 6.08 4.59
C TYR B 49 -4.34 6.16 3.30
N GLU B 50 -4.43 7.37 2.80
CA GLU B 50 -5.16 7.67 1.59
CA GLU B 50 -5.17 7.72 1.61
C GLU B 50 -4.17 8.23 0.58
N THR B 51 -4.49 8.08 -0.71
CA THR B 51 -3.64 8.61 -1.77
C THR B 51 -4.40 9.69 -2.57
N PHE B 52 -3.63 10.56 -3.20
CA PHE B 52 -4.12 11.56 -4.13
C PHE B 52 -3.25 11.52 -5.38
N ASP B 53 -3.88 11.48 -6.53
CA ASP B 53 -3.20 11.34 -7.83
C ASP B 53 -2.85 12.72 -8.41
N ILE B 54 -1.58 13.10 -8.30
CA ILE B 54 -1.15 14.41 -8.82
C ILE B 54 -1.06 14.42 -10.34
N LEU B 55 -1.24 13.25 -10.99
CA LEU B 55 -1.36 13.27 -12.45
C LEU B 55 -2.68 13.87 -12.93
N GLU B 56 -3.68 13.97 -12.04
CA GLU B 56 -5.02 14.45 -12.38
CA GLU B 56 -4.98 14.47 -12.47
C GLU B 56 -5.25 15.90 -11.99
N ASP B 57 -4.23 16.55 -11.39
CA ASP B 57 -4.36 17.94 -10.94
C ASP B 57 -3.05 18.70 -11.00
N GLU B 58 -2.80 19.39 -12.11
CA GLU B 58 -1.54 20.10 -12.34
C GLU B 58 -1.27 21.18 -11.32
N GLU B 59 -2.30 21.97 -11.00
CA GLU B 59 -2.17 22.99 -10.01
C GLU B 59 -1.67 22.41 -8.68
N VAL B 60 -2.20 21.25 -8.26
CA VAL B 60 -1.72 20.60 -7.04
C VAL B 60 -0.33 20.02 -7.23
N ARG B 61 -0.12 19.32 -8.33
CA ARG B 61 1.19 18.81 -8.70
C ARG B 61 2.30 19.84 -8.52
N GLN B 62 2.19 20.98 -9.20
CA GLN B 62 3.23 22.00 -9.13
C GLN B 62 3.14 22.76 -7.79
N GLY B 63 1.91 23.00 -7.33
CA GLY B 63 1.69 23.74 -6.09
C GLY B 63 2.30 23.10 -4.85
N LEU B 64 2.16 21.79 -4.72
CA LEU B 64 2.64 21.10 -3.52
CA LEU B 64 2.63 21.10 -3.53
C LEU B 64 4.16 21.04 -3.49
N LYS B 65 4.80 20.96 -4.65
CA LYS B 65 6.26 21.00 -4.70
CA LYS B 65 6.25 20.98 -4.68
C LYS B 65 6.76 22.32 -4.18
N ALA B 66 6.11 23.42 -4.60
CA ALA B 66 6.44 24.74 -4.10
C ALA B 66 6.11 24.89 -2.61
N TYR B 67 4.94 24.42 -2.21
CA TYR B 67 4.46 24.54 -0.81
C TYR B 67 5.41 23.85 0.18
N SER B 68 5.88 22.66 -0.20
CA SER B 68 6.73 21.86 0.71
CA SER B 68 6.72 21.80 0.68
C SER B 68 8.22 21.93 0.38
N ASN B 69 8.58 22.68 -0.66
CA ASN B 69 9.95 22.82 -1.13
C ASN B 69 10.58 21.46 -1.33
N TRP B 70 9.85 20.58 -2.00
CA TRP B 70 10.27 19.21 -2.27
C TRP B 70 10.34 18.99 -3.78
N PRO B 71 11.36 18.27 -4.26
CA PRO B 71 11.60 18.29 -5.70
C PRO B 71 10.73 17.30 -6.52
N THR B 72 10.17 16.30 -5.86
CA THR B 72 9.60 15.14 -6.60
C THR B 72 8.39 14.57 -5.89
N TYR B 73 7.80 13.54 -6.51
CA TYR B 73 6.81 12.71 -5.94
C TYR B 73 7.46 11.31 -5.91
N PRO B 74 7.03 10.45 -4.97
CA PRO B 74 5.90 10.66 -4.07
C PRO B 74 6.16 11.57 -2.88
N GLN B 75 5.09 12.08 -2.28
CA GLN B 75 5.22 12.87 -1.06
C GLN B 75 4.25 12.37 -0.04
N LEU B 76 4.79 12.00 1.14
CA LEU B 76 3.98 11.55 2.25
C LEU B 76 3.81 12.64 3.30
N TYR B 77 2.55 12.90 3.68
CA TYR B 77 2.18 13.80 4.74
C TYR B 77 1.52 13.05 5.89
N VAL B 78 1.83 13.48 7.12
CA VAL B 78 1.13 13.03 8.33
C VAL B 78 0.64 14.26 9.09
N LYS B 79 -0.68 14.34 9.29
CA LYS B 79 -1.31 15.49 10.00
C LYS B 79 -0.87 16.80 9.38
N GLY B 80 -0.76 16.77 8.06
CA GLY B 80 -0.40 17.94 7.32
C GLY B 80 1.09 18.26 7.21
N GLU B 81 1.94 17.46 7.84
CA GLU B 81 3.37 17.76 7.88
C GLU B 81 4.04 16.84 6.90
N LEU B 82 4.93 17.40 6.08
CA LEU B 82 5.64 16.57 5.15
C LEU B 82 6.61 15.61 5.84
N VAL B 83 6.47 14.32 5.54
CA VAL B 83 7.48 13.35 5.93
C VAL B 83 8.63 13.29 4.91
N GLY B 84 8.28 13.07 3.66
CA GLY B 84 9.26 12.99 2.58
C GLY B 84 8.78 11.99 1.55
N GLY B 85 9.77 11.44 0.82
CA GLY B 85 9.52 10.47 -0.21
C GLY B 85 10.05 9.09 0.19
N LEU B 86 10.43 8.28 -0.80
CA LEU B 86 10.74 6.85 -0.54
C LEU B 86 11.97 6.69 0.37
N ASP B 87 13.00 7.47 0.08
CA ASP B 87 14.24 7.37 0.81
C ASP B 87 14.04 7.62 2.31
N ILE B 88 13.27 8.66 2.65
CA ILE B 88 13.00 8.92 4.07
C ILE B 88 12.11 7.84 4.69
N VAL B 89 11.06 7.45 4.00
CA VAL B 89 10.15 6.43 4.51
C VAL B 89 10.90 5.10 4.76
N LYS B 90 11.80 4.74 3.86
CA LYS B 90 12.61 3.53 4.03
C LYS B 90 13.52 3.62 5.25
N GLU B 91 14.19 4.77 5.41
CA GLU B 91 15.09 5.03 6.57
C GLU B 91 14.32 4.92 7.85
N LEU B 92 13.16 5.57 7.89
CA LEU B 92 12.30 5.54 9.11
C LEU B 92 11.86 4.11 9.45
N LYS B 93 11.46 3.35 8.45
CA LYS B 93 11.12 1.93 8.64
C LYS B 93 12.30 1.14 9.20
N GLU B 94 13.47 1.29 8.60
CA GLU B 94 14.66 0.60 9.04
C GLU B 94 15.10 1.02 10.44
N ASN B 95 14.81 2.27 10.82
CA ASN B 95 15.16 2.85 12.11
C ASN B 95 14.15 2.46 13.18
N GLY B 96 13.02 1.87 12.80
CA GLY B 96 11.92 1.59 13.73
C GLY B 96 11.18 2.85 14.18
N GLU B 97 11.21 3.88 13.34
CA GLU B 97 10.64 5.19 13.66
CA GLU B 97 10.62 5.18 13.67
C GLU B 97 9.37 5.48 12.86
N LEU B 98 9.07 4.67 11.84
CA LEU B 98 7.96 5.02 10.91
C LEU B 98 6.56 4.91 11.55
N LEU B 99 6.33 3.82 12.26
CA LEU B 99 5.05 3.60 12.90
C LEU B 99 4.67 4.75 13.89
N PRO B 100 5.59 5.16 14.80
CA PRO B 100 5.24 6.30 15.65
C PRO B 100 4.90 7.57 14.88
N ILE B 101 5.68 7.84 13.86
CA ILE B 101 5.46 9.01 13.04
C ILE B 101 4.13 8.96 12.31
N LEU B 102 3.77 7.80 11.75
CA LEU B 102 2.52 7.68 11.00
C LEU B 102 1.31 7.92 11.90
N ARG B 103 1.46 7.57 13.18
CA ARG B 103 0.42 7.83 14.17
C ARG B 103 0.43 9.25 14.78
N GLY B 104 1.20 10.16 14.19
CA GLY B 104 1.23 11.56 14.65
C GLY B 104 1.89 11.78 15.99
N GLU B 105 2.65 10.79 16.46
CA GLU B 105 3.36 10.90 17.76
C GLU B 105 4.69 11.60 17.53
C1 EDO C . 7.30 -5.89 -18.48
O1 EDO C . 6.30 -5.33 -17.64
C2 EDO C . 7.17 -7.41 -18.64
O2 EDO C . 6.51 -8.06 -17.54
C1 EDO D . -10.37 0.31 -0.44
O1 EDO D . -9.57 1.41 -0.93
C2 EDO D . -11.86 0.62 -0.61
O2 EDO D . -12.43 0.05 -1.80
C1 EDO E . -8.79 -18.66 -19.82
O1 EDO E . -9.11 -17.30 -19.78
C2 EDO E . -7.33 -18.81 -19.50
O2 EDO E . -7.21 -19.87 -18.55
C1 EDO F . -4.52 -23.52 -0.39
O1 EDO F . -3.35 -24.07 0.20
C2 EDO F . -5.63 -23.21 0.63
O2 EDO F . -6.88 -22.87 0.01
FE FE G . -8.08 -9.99 -12.43
S SO4 H . -15.12 -11.09 -11.36
O1 SO4 H . -16.32 -10.93 -10.50
O2 SO4 H . -15.31 -10.30 -12.58
O3 SO4 H . -13.89 -10.67 -10.71
O4 SO4 H . -14.94 -12.51 -11.69
CL CL I . -0.20 -3.96 -6.20
N1 GSH J . -0.58 -13.12 -23.89
CA1 GSH J . -2.01 -12.66 -23.96
C1 GSH J . -1.99 -11.18 -23.88
O11 GSH J . -2.90 -10.46 -24.43
O12 GSH J . -1.06 -10.64 -23.20
CB1 GSH J . -2.87 -13.20 -22.79
CG1 GSH J . -4.31 -12.68 -22.66
CD1 GSH J . -5.23 -13.58 -21.82
OE1 GSH J . -4.72 -14.65 -21.10
N2 GSH J . -6.49 -13.28 -21.83
CA2 GSH J . -7.53 -14.14 -21.34
C2 GSH J . -8.56 -14.41 -22.40
O2 GSH J . -8.85 -13.42 -23.32
CB2 GSH J . -8.17 -13.46 -20.11
SG2 GSH J . -6.98 -13.20 -18.78
N3 GSH J . -9.24 -15.55 -22.39
CA3 GSH J . -10.23 -15.87 -23.41
C3 GSH J . -11.51 -15.08 -23.39
O31 GSH J . -12.29 -15.10 -24.42
O32 GSH J . -11.83 -14.36 -22.41
C1 EDO K . -6.98 5.12 -1.28
O1 EDO K . -7.13 6.50 -1.03
C2 EDO K . -7.56 4.33 -0.12
O2 EDO K . -7.99 3.02 -0.54
C1 EDO L . 10.65 -2.71 0.84
O1 EDO L . 11.78 -1.90 1.14
C2 EDO L . 9.93 -2.10 -0.37
O2 EDO L . 10.88 -1.93 -1.42
C1 EDO M . 10.61 2.17 -12.49
O1 EDO M . 9.47 3.03 -12.45
C2 EDO M . 10.25 0.75 -12.92
O2 EDO M . 9.86 -0.06 -11.80
N1 GSH N . 7.16 12.79 -14.41
CA1 GSH N . 6.80 12.10 -15.63
C1 GSH N . 5.31 12.22 -15.75
O11 GSH N . 4.78 13.04 -16.53
O12 GSH N . 4.58 11.50 -15.04
CB1 GSH N . 7.32 10.65 -15.67
CG1 GSH N . 7.55 9.99 -14.30
CD1 GSH N . 9.02 9.85 -13.89
OE1 GSH N . 9.75 10.88 -13.25
N2 GSH N . 9.60 8.66 -14.09
CA2 GSH N . 9.83 7.79 -12.94
C2 GSH N . 11.28 7.79 -12.51
O2 GSH N . 12.31 7.52 -13.43
CB2 GSH N . 9.32 6.39 -13.22
SG2 GSH N . 7.51 6.42 -13.11
N3 GSH N . 11.50 8.07 -11.22
CA3 GSH N . 12.83 8.00 -10.65
C3 GSH N . 13.54 6.70 -10.97
O31 GSH N . 14.76 6.74 -11.27
O32 GSH N . 12.91 5.61 -10.95
#